data_4YS4
#
_entry.id   4YS4
#
_cell.length_a   133.760
_cell.length_b   133.760
_cell.length_c   133.760
_cell.angle_alpha   90.000
_cell.angle_beta   90.000
_cell.angle_gamma   90.000
#
_symmetry.space_group_name_H-M   'I 2 3'
#
loop_
_entity.id
_entity.type
_entity.pdbx_description
1 polymer 'Merozoite surface protein P41'
2 non-polymer 'ZINC ION'
3 non-polymer 'CHLORIDE ION'
4 non-polymer GLYCEROL
5 water water
#
_entity_poly.entity_id   1
_entity_poly.type   'polypeptide(L)'
_entity_poly.pdbx_seq_one_letter_code
;GSMGKSHKCDFTKEKYLLSGEKEVSCEIDANPADDITFICPNKIDSLCFHTVNIAKNINQNKATMSIQDLLYGSVVYGNT
LFISPYVRTNTPFYCFCNLDTVTIQKFLKINRFLKDDDELSEADVMKHLKGGNVAEAQADEYLNKALNRFKKMKDLSKFF
NDQADNTAKLNLPKSLNIPNDILNYDVYNSANNRNDIVVKDEVTNKQIISKRGIMSVFVRSNNNVIKGCDFGNNNKNYFS
HPISVAG(MLY)VNNKVCKIQGKPGELVGFKCAFEENGKVEPPNCFDQVLHKNKVTDLKTLIPGYASYTNKHSSKYPYYL
KIPHFVNEQYTIQC(MLY)C(MLY)SNNAQNEYTFELDIQPGESEVVLNSFKTSAAA
;
_entity_poly.pdbx_strand_id   A
#
# COMPACT_ATOMS: atom_id res chain seq x y z
N MET A 3 1.23 -9.26 -4.78
CA MET A 3 2.11 -8.82 -5.85
C MET A 3 1.32 -8.56 -7.13
N GLY A 4 1.80 -7.61 -7.93
CA GLY A 4 1.18 -7.28 -9.20
C GLY A 4 2.10 -6.38 -10.01
N LYS A 5 1.55 -5.68 -10.99
CA LYS A 5 2.35 -4.79 -11.81
C LYS A 5 2.68 -3.50 -11.08
N SER A 6 3.91 -3.02 -11.25
CA SER A 6 4.34 -1.75 -10.68
C SER A 6 4.19 -0.63 -11.71
N HIS A 7 3.40 0.38 -11.36
CA HIS A 7 3.20 1.55 -12.21
C HIS A 7 3.99 2.74 -11.66
N LYS A 8 4.30 3.69 -12.52
CA LYS A 8 5.09 4.85 -12.12
C LYS A 8 4.64 6.11 -12.84
N CYS A 9 4.65 7.22 -12.11
CA CYS A 9 4.40 8.53 -12.68
C CYS A 9 5.50 9.47 -12.20
N ASP A 10 6.43 9.79 -13.10
CA ASP A 10 7.61 10.58 -12.77
C ASP A 10 7.58 11.94 -13.47
N PHE A 11 7.10 12.96 -12.76
CA PHE A 11 6.93 14.27 -13.35
C PHE A 11 8.23 15.08 -13.40
N THR A 12 9.36 14.44 -13.09
CA THR A 12 10.66 15.08 -13.25
C THR A 12 11.21 14.88 -14.66
N LYS A 13 10.55 14.04 -15.45
CA LYS A 13 11.01 13.73 -16.79
C LYS A 13 10.67 14.85 -17.78
N GLU A 14 11.52 15.01 -18.78
CA GLU A 14 11.39 16.12 -19.74
C GLU A 14 10.10 16.08 -20.55
N LYS A 15 9.49 14.90 -20.68
CA LYS A 15 8.24 14.78 -21.43
C LYS A 15 7.17 15.66 -20.79
N TYR A 16 7.37 15.97 -19.51
CA TYR A 16 6.50 16.90 -18.79
C TYR A 16 7.11 18.29 -18.73
N LEU A 17 8.37 18.37 -18.31
CA LEU A 17 9.01 19.66 -18.05
C LEU A 17 9.06 20.56 -19.28
N LEU A 18 9.40 19.99 -20.43
CA LEU A 18 9.57 20.78 -21.65
C LEU A 18 8.35 20.76 -22.55
N SER A 19 7.21 20.32 -22.02
CA SER A 19 5.97 20.30 -22.80
C SER A 19 5.51 21.73 -23.11
N GLY A 20 4.64 21.85 -24.10
CA GLY A 20 4.08 23.14 -24.46
C GLY A 20 2.75 23.38 -23.77
N GLU A 21 2.00 22.30 -23.54
CA GLU A 21 0.71 22.38 -22.89
C GLU A 21 0.83 22.90 -21.47
N LYS A 22 -0.27 23.44 -20.95
CA LYS A 22 -0.32 23.93 -19.57
C LYS A 22 -0.86 22.85 -18.64
N GLU A 23 -1.37 21.78 -19.23
CA GLU A 23 -1.72 20.57 -18.48
C GLU A 23 -1.05 19.35 -19.11
N VAL A 24 -0.20 18.69 -18.34
CA VAL A 24 0.44 17.45 -18.77
C VAL A 24 -0.13 16.29 -17.97
N SER A 25 -0.32 15.15 -18.62
CA SER A 25 -1.08 14.06 -18.03
C SER A 25 -0.30 12.75 -17.97
N CYS A 26 -0.39 12.09 -16.82
CA CYS A 26 0.07 10.73 -16.63
C CYS A 26 -1.14 9.91 -16.20
N GLU A 27 -1.41 8.80 -16.88
CA GLU A 27 -2.60 8.01 -16.57
C GLU A 27 -2.30 6.53 -16.41
N ILE A 28 -2.93 5.94 -15.39
CA ILE A 28 -2.65 4.58 -14.96
C ILE A 28 -3.93 3.76 -14.88
N ASP A 29 -3.91 2.60 -15.53
CA ASP A 29 -4.96 1.62 -15.42
C ASP A 29 -4.47 0.49 -14.51
N ALA A 30 -4.96 0.46 -13.28
CA ALA A 30 -4.42 -0.41 -12.25
C ALA A 30 -5.41 -1.47 -11.78
N ASN A 31 -4.88 -2.64 -11.42
CA ASN A 31 -5.66 -3.71 -10.81
C ASN A 31 -5.39 -3.74 -9.31
N PRO A 32 -6.25 -4.44 -8.55
CA PRO A 32 -5.97 -4.62 -7.12
C PRO A 32 -4.61 -5.27 -6.87
N ALA A 33 -3.95 -4.86 -5.79
CA ALA A 33 -2.63 -5.38 -5.40
C ALA A 33 -1.52 -4.94 -6.35
N ASP A 34 -1.83 -4.04 -7.28
CA ASP A 34 -0.78 -3.35 -8.02
C ASP A 34 -0.15 -2.31 -7.11
N ASP A 35 0.99 -1.76 -7.51
CA ASP A 35 1.58 -0.65 -6.77
C ASP A 35 1.90 0.51 -7.70
N ILE A 36 1.77 1.72 -7.17
CA ILE A 36 1.99 2.94 -7.94
C ILE A 36 2.97 3.84 -7.21
N THR A 37 4.02 4.26 -7.91
CA THR A 37 4.99 5.21 -7.37
C THR A 37 4.79 6.56 -8.03
N PHE A 38 4.66 7.60 -7.20
CA PHE A 38 4.39 8.96 -7.66
C PHE A 38 5.52 9.89 -7.28
N ILE A 39 6.31 10.29 -8.28
CA ILE A 39 7.41 11.22 -8.07
C ILE A 39 7.03 12.61 -8.56
N CYS A 40 6.84 13.54 -7.62
CA CYS A 40 6.54 14.93 -7.94
C CYS A 40 7.68 15.83 -7.43
N PRO A 41 8.17 16.75 -8.29
CA PRO A 41 9.31 17.55 -7.85
C PRO A 41 8.92 18.65 -6.87
N ASN A 42 7.63 18.95 -6.77
CA ASN A 42 7.15 20.00 -5.89
C ASN A 42 6.66 19.43 -4.56
N LEU A 47 0.07 16.12 -1.37
CA LEU A 47 -0.83 15.63 -0.34
C LEU A 47 -1.03 14.11 -0.43
N CYS A 48 -0.82 13.56 -1.61
CA CYS A 48 -1.02 12.14 -1.86
C CYS A 48 0.30 11.39 -1.65
N PHE A 49 0.26 10.08 -1.36
CA PHE A 49 -0.93 9.23 -1.48
C PHE A 49 -1.86 9.18 -0.27
N HIS A 50 -1.44 9.75 0.86
CA HIS A 50 -2.22 9.65 2.09
C HIS A 50 -3.63 10.23 1.88
N THR A 51 -3.71 11.27 1.06
CA THR A 51 -4.99 11.86 0.67
C THR A 51 -4.96 12.10 -0.83
N VAL A 52 -6.09 11.89 -1.52
CA VAL A 52 -6.15 12.07 -2.96
C VAL A 52 -7.39 12.86 -3.39
N ASN A 53 -7.36 13.38 -4.61
CA ASN A 53 -8.48 14.14 -5.17
C ASN A 53 -9.48 13.24 -5.89
N ILE A 54 -10.76 13.53 -5.68
CA ILE A 54 -11.84 12.72 -6.23
C ILE A 54 -12.07 13.01 -7.71
N ALA A 55 -11.81 14.25 -8.13
CA ALA A 55 -12.07 14.66 -9.51
C ALA A 55 -10.86 15.33 -10.16
N LYS A 56 -10.85 15.30 -11.49
CA LYS A 56 -9.75 15.83 -12.28
C LYS A 56 -9.84 17.34 -12.40
N ASN A 57 -11.07 17.84 -12.54
CA ASN A 57 -11.30 19.28 -12.71
C ASN A 57 -11.07 20.02 -11.40
N ILE A 58 -10.35 21.15 -11.48
CA ILE A 58 -10.05 21.96 -10.31
C ILE A 58 -11.31 22.68 -9.80
N ASN A 59 -12.19 23.04 -10.72
CA ASN A 59 -13.36 23.86 -10.40
C ASN A 59 -14.39 23.09 -9.58
N GLN A 60 -14.76 21.90 -10.05
CA GLN A 60 -15.80 21.09 -9.41
C GLN A 60 -15.18 19.87 -8.74
N ASN A 61 -15.85 19.37 -7.70
CA ASN A 61 -15.33 18.25 -6.91
C ASN A 61 -13.90 18.52 -6.47
N LYS A 62 -13.68 19.72 -5.93
CA LYS A 62 -12.41 20.08 -5.32
C LYS A 62 -12.09 19.17 -4.14
N ALA A 63 -13.11 18.46 -3.66
CA ALA A 63 -13.00 17.60 -2.49
C ALA A 63 -11.88 16.57 -2.61
N THR A 64 -11.26 16.28 -1.47
CA THR A 64 -10.24 15.24 -1.37
C THR A 64 -10.73 14.16 -0.41
N MET A 65 -10.07 13.01 -0.42
CA MET A 65 -10.44 11.92 0.45
C MET A 65 -9.21 11.12 0.89
N SER A 66 -9.28 10.59 2.10
CA SER A 66 -8.25 9.68 2.58
C SER A 66 -8.23 8.42 1.73
N ILE A 67 -7.04 7.96 1.36
CA ILE A 67 -6.92 6.80 0.50
C ILE A 67 -7.51 5.55 1.15
N GLN A 68 -7.53 5.53 2.48
CA GLN A 68 -8.09 4.41 3.22
C GLN A 68 -9.62 4.42 3.16
N ASP A 69 -10.21 5.60 3.01
CA ASP A 69 -11.67 5.71 2.90
C ASP A 69 -12.10 5.41 1.46
N LEU A 70 -11.23 5.68 0.51
CA LEU A 70 -11.54 5.48 -0.90
C LEU A 70 -11.19 4.07 -1.35
N LEU A 71 -10.00 3.62 -0.98
CA LEU A 71 -9.52 2.29 -1.31
C LEU A 71 -9.06 1.55 -0.05
N TYR A 72 -10.04 1.22 0.78
CA TYR A 72 -9.81 0.53 2.04
C TYR A 72 -9.02 -0.76 1.83
N GLY A 73 -7.96 -0.94 2.61
CA GLY A 73 -7.08 -2.09 2.46
C GLY A 73 -5.79 -1.73 1.76
N SER A 74 -5.68 -0.49 1.30
CA SER A 74 -4.48 -0.03 0.63
C SER A 74 -3.42 0.41 1.64
N VAL A 75 -2.17 0.48 1.18
CA VAL A 75 -1.04 0.83 2.04
C VAL A 75 -0.18 1.89 1.36
N VAL A 76 0.16 2.93 2.10
CA VAL A 76 1.09 3.95 1.61
C VAL A 76 2.42 3.83 2.34
N TYR A 77 3.50 3.73 1.56
CA TYR A 77 4.85 3.77 2.12
C TYR A 77 5.73 4.61 1.21
N GLY A 78 6.22 5.71 1.75
CA GLY A 78 7.01 6.66 0.98
C GLY A 78 6.20 7.25 -0.16
N ASN A 79 6.76 7.18 -1.36
CA ASN A 79 6.11 7.71 -2.55
C ASN A 79 5.31 6.64 -3.29
N THR A 80 5.04 5.52 -2.61
CA THR A 80 4.39 4.38 -3.25
C THR A 80 3.08 4.00 -2.59
N LEU A 81 2.11 3.63 -3.42
CA LEU A 81 0.83 3.12 -2.96
C LEU A 81 0.68 1.65 -3.32
N PHE A 82 0.41 0.82 -2.32
CA PHE A 82 0.01 -0.56 -2.56
C PHE A 82 -1.50 -0.64 -2.54
N ILE A 83 -2.11 -0.80 -3.71
CA ILE A 83 -3.56 -0.84 -3.83
C ILE A 83 -4.10 -2.08 -3.14
N SER A 84 -5.19 -1.91 -2.41
CA SER A 84 -5.82 -2.99 -1.67
C SER A 84 -5.96 -4.25 -2.53
N PRO A 85 -5.72 -5.43 -1.93
CA PRO A 85 -5.95 -6.68 -2.68
C PRO A 85 -7.42 -6.88 -3.02
N TYR A 86 -8.29 -6.09 -2.40
CA TYR A 86 -9.72 -6.14 -2.67
C TYR A 86 -10.28 -4.74 -2.90
N VAL A 87 -10.77 -4.50 -4.10
CA VAL A 87 -11.42 -3.24 -4.45
C VAL A 87 -12.88 -3.53 -4.80
N ARG A 88 -13.78 -2.88 -4.07
CA ARG A 88 -15.20 -3.19 -4.18
C ARG A 88 -15.85 -2.56 -5.40
N THR A 89 -15.32 -1.43 -5.84
CA THR A 89 -15.92 -0.65 -6.91
C THR A 89 -14.87 0.04 -7.76
N ASN A 90 -15.09 0.06 -9.08
CA ASN A 90 -14.23 0.79 -9.99
C ASN A 90 -14.06 2.23 -9.52
N THR A 91 -12.84 2.60 -9.17
CA THR A 91 -12.57 3.89 -8.53
C THR A 91 -11.53 4.70 -9.30
N PRO A 92 -11.89 5.93 -9.70
CA PRO A 92 -10.87 6.88 -10.16
C PRO A 92 -10.40 7.80 -9.03
N PHE A 93 -9.13 8.17 -9.03
CA PHE A 93 -8.66 9.24 -8.17
C PHE A 93 -7.53 9.97 -8.85
N TYR A 94 -7.17 11.13 -8.33
CA TYR A 94 -6.26 12.03 -9.03
C TYR A 94 -5.27 12.69 -8.08
N CYS A 95 -4.04 12.83 -8.55
CA CYS A 95 -2.99 13.53 -7.83
C CYS A 95 -2.43 14.62 -8.73
N PHE A 96 -2.18 15.80 -8.17
CA PHE A 96 -1.75 16.94 -8.94
C PHE A 96 -0.33 17.35 -8.60
N CYS A 97 0.36 17.92 -9.59
CA CYS A 97 1.72 18.40 -9.43
C CYS A 97 1.89 19.79 -10.04
N ASN A 98 2.28 20.75 -9.21
CA ASN A 98 2.47 22.12 -9.67
C ASN A 98 3.87 22.31 -10.25
N LEU A 99 3.99 22.19 -11.56
CA LEU A 99 5.25 22.38 -12.25
C LEU A 99 5.45 23.85 -12.62
N ASP A 100 5.78 24.66 -11.63
CA ASP A 100 6.05 26.08 -11.86
C ASP A 100 7.44 26.27 -12.47
N THR A 101 7.69 27.45 -13.02
CA THR A 101 8.90 27.71 -13.79
C THR A 101 10.18 27.57 -12.96
N VAL A 102 10.09 27.83 -11.67
CA VAL A 102 11.25 27.68 -10.79
C VAL A 102 11.60 26.21 -10.64
N THR A 103 10.58 25.40 -10.41
CA THR A 103 10.75 23.96 -10.26
C THR A 103 11.36 23.35 -11.52
N ILE A 104 10.81 23.73 -12.66
CA ILE A 104 11.28 23.22 -13.95
C ILE A 104 12.73 23.57 -14.20
N GLN A 105 13.10 24.83 -13.96
CA GLN A 105 14.47 25.27 -14.13
C GLN A 105 15.40 24.49 -13.20
N LYS A 106 14.94 24.24 -11.98
CA LYS A 106 15.74 23.53 -10.99
C LYS A 106 16.04 22.10 -11.46
N PHE A 107 15.01 21.41 -11.92
CA PHE A 107 15.14 20.00 -12.25
C PHE A 107 15.68 19.76 -13.64
N LEU A 108 15.63 20.78 -14.50
CA LEU A 108 16.30 20.69 -15.79
C LEU A 108 17.81 20.74 -15.54
N LYS A 109 18.21 21.46 -14.50
CA LYS A 109 19.61 21.52 -14.11
C LYS A 109 20.03 20.23 -13.41
N ILE A 110 19.14 19.70 -12.58
CA ILE A 110 19.39 18.44 -11.88
C ILE A 110 19.54 17.29 -12.87
N ASN A 111 18.69 17.25 -13.88
CA ASN A 111 18.72 16.16 -14.85
C ASN A 111 19.96 16.17 -15.74
N ARG A 112 20.78 17.22 -15.64
CA ARG A 112 22.02 17.30 -16.40
C ARG A 112 23.04 16.29 -15.89
N PHE A 113 22.80 15.77 -14.69
CA PHE A 113 23.69 14.76 -14.12
C PHE A 113 23.68 13.47 -14.93
N LEU A 114 22.56 13.22 -15.60
CA LEU A 114 22.46 12.07 -16.50
C LEU A 114 23.12 12.40 -17.84
N LYS A 115 24.27 11.79 -18.08
CA LYS A 115 25.05 12.08 -19.28
C LYS A 115 24.60 11.21 -20.46
N ASP A 116 24.06 10.05 -20.15
CA ASP A 116 23.47 9.18 -21.16
C ASP A 116 22.13 8.63 -20.68
N ASP A 117 21.56 7.68 -21.42
CA ASP A 117 20.22 7.18 -21.16
C ASP A 117 20.23 5.76 -20.59
N ASP A 118 21.25 5.45 -19.79
CA ASP A 118 21.36 4.14 -19.16
C ASP A 118 20.17 3.88 -18.24
N GLU A 119 19.80 2.61 -18.11
CA GLU A 119 18.76 2.21 -17.16
C GLU A 119 19.26 2.36 -15.73
N LEU A 120 18.36 2.72 -14.83
CA LEU A 120 18.69 2.93 -13.43
C LEU A 120 18.22 1.74 -12.60
N SER A 121 19.10 0.76 -12.42
CA SER A 121 18.76 -0.46 -11.69
C SER A 121 18.60 -0.19 -10.20
N ILE A 208 10.31 28.35 -21.37
CA ILE A 208 9.66 27.22 -20.71
C ILE A 208 8.37 27.68 -20.02
N ILE A 209 7.37 26.81 -20.01
CA ILE A 209 6.02 27.15 -19.60
C ILE A 209 5.64 26.48 -18.28
N SER A 210 4.94 27.22 -17.43
CA SER A 210 4.43 26.67 -16.18
C SER A 210 3.29 25.69 -16.48
N LYS A 211 3.25 24.59 -15.72
CA LYS A 211 2.31 23.50 -16.00
C LYS A 211 1.65 22.97 -14.74
N ARG A 212 0.52 22.30 -14.92
CA ARG A 212 -0.12 21.53 -13.88
C ARG A 212 -0.14 20.06 -14.28
N GLY A 213 0.72 19.27 -13.64
CA GLY A 213 0.78 17.85 -13.90
C GLY A 213 -0.35 17.12 -13.19
N ILE A 214 -0.99 16.20 -13.90
CA ILE A 214 -2.08 15.41 -13.34
C ILE A 214 -1.81 13.93 -13.49
N MET A 215 -1.84 13.21 -12.38
CA MET A 215 -1.81 11.75 -12.42
C MET A 215 -3.24 11.24 -12.26
N SER A 216 -3.76 10.63 -13.31
CA SER A 216 -5.09 10.04 -13.30
C SER A 216 -4.98 8.53 -13.09
N VAL A 217 -5.50 8.04 -11.98
CA VAL A 217 -5.44 6.61 -11.69
C VAL A 217 -6.83 6.01 -11.79
N PHE A 218 -6.92 4.87 -12.47
CA PHE A 218 -8.16 4.11 -12.57
C PHE A 218 -7.94 2.72 -11.99
N VAL A 219 -8.74 2.36 -10.99
CA VAL A 219 -8.57 1.10 -10.28
C VAL A 219 -9.75 0.16 -10.55
N ARG A 220 -9.45 -1.00 -11.12
CA ARG A 220 -10.46 -2.01 -11.37
C ARG A 220 -10.90 -2.69 -10.07
N SER A 221 -12.15 -3.12 -10.03
CA SER A 221 -12.68 -3.82 -8.87
C SER A 221 -12.46 -5.32 -9.02
N ASN A 222 -12.62 -6.04 -7.91
CA ASN A 222 -12.57 -7.50 -7.94
C ASN A 222 -13.56 -8.07 -6.93
N ASN A 223 -13.54 -9.39 -6.74
CA ASN A 223 -14.58 -10.06 -5.97
C ASN A 223 -14.09 -10.69 -4.66
N ASN A 224 -12.81 -11.02 -4.58
CA ASN A 224 -12.28 -11.76 -3.44
C ASN A 224 -11.90 -10.87 -2.26
N VAL A 225 -12.46 -11.17 -1.09
CA VAL A 225 -12.08 -10.49 0.13
C VAL A 225 -10.63 -10.80 0.50
N ILE A 226 -10.03 -9.92 1.29
CA ILE A 226 -8.66 -10.09 1.74
C ILE A 226 -8.60 -11.21 2.78
N LYS A 227 -7.68 -12.15 2.58
CA LYS A 227 -7.45 -13.22 3.55
C LYS A 227 -6.71 -12.63 4.75
N GLY A 228 -7.44 -12.39 5.84
CA GLY A 228 -6.84 -11.76 7.00
C GLY A 228 -7.83 -11.25 8.03
N CYS A 229 -7.33 -10.43 8.96
CA CYS A 229 -8.12 -9.93 10.07
C CYS A 229 -8.28 -8.42 10.02
N ASP A 230 -9.47 -7.93 10.38
CA ASP A 230 -9.70 -6.51 10.55
C ASP A 230 -10.09 -6.27 11.99
N PHE A 231 -9.23 -5.55 12.72
CA PHE A 231 -9.42 -5.32 14.14
C PHE A 231 -10.11 -4.00 14.43
N GLY A 232 -10.45 -3.26 13.37
CA GLY A 232 -11.18 -2.01 13.51
C GLY A 232 -12.66 -2.28 13.67
N ASN A 233 -13.33 -1.46 14.49
CA ASN A 233 -14.76 -1.62 14.71
C ASN A 233 -15.56 -0.99 13.57
N ASN A 234 -15.97 -1.82 12.63
CA ASN A 234 -16.75 -1.37 11.48
C ASN A 234 -17.43 -2.56 10.82
N ASN A 235 -18.31 -2.29 9.88
CA ASN A 235 -19.02 -3.34 9.16
C ASN A 235 -18.50 -3.49 7.73
N LYS A 236 -17.39 -2.82 7.41
CA LYS A 236 -16.69 -3.07 6.16
C LYS A 236 -16.10 -4.47 6.21
N ASN A 237 -16.59 -5.35 5.34
CA ASN A 237 -16.12 -6.74 5.31
C ASN A 237 -15.12 -6.94 4.17
N TYR A 238 -14.02 -6.20 4.23
CA TYR A 238 -12.95 -6.33 3.26
C TYR A 238 -12.03 -7.50 3.61
N PHE A 239 -12.00 -7.86 4.88
CA PHE A 239 -11.19 -8.98 5.35
C PHE A 239 -12.07 -10.16 5.74
N SER A 240 -11.50 -11.36 5.65
CA SER A 240 -12.27 -12.58 5.91
C SER A 240 -12.62 -12.74 7.39
N HIS A 241 -11.84 -12.10 8.26
CA HIS A 241 -12.06 -12.19 9.71
C HIS A 241 -12.20 -10.80 10.35
N PRO A 242 -13.37 -10.17 10.20
CA PRO A 242 -13.63 -8.91 10.91
C PRO A 242 -14.04 -9.19 12.35
N ILE A 243 -13.71 -8.30 13.29
CA ILE A 243 -14.10 -8.49 14.69
C ILE A 243 -15.61 -8.33 14.85
N SER A 244 -16.25 -7.68 13.88
CA SER A 244 -17.69 -7.49 13.90
C SER A 244 -18.40 -8.83 13.77
N VAL A 245 -17.93 -9.66 12.84
CA VAL A 245 -18.50 -10.98 12.61
C VAL A 245 -18.11 -11.93 13.74
N ALA A 246 -19.11 -12.41 14.47
CA ALA A 246 -18.87 -13.27 15.63
C ALA A 246 -18.26 -14.59 15.21
N GLY A 247 -17.32 -15.08 16.02
CA GLY A 247 -16.67 -16.35 15.79
C GLY A 247 -15.38 -16.22 14.99
N VAL A 249 -12.93 -13.73 15.55
CA VAL A 249 -11.84 -13.39 16.47
C VAL A 249 -12.25 -13.72 17.90
N ASN A 250 -11.61 -14.74 18.45
CA ASN A 250 -11.92 -15.21 19.80
C ASN A 250 -10.77 -14.92 20.77
N ASN A 251 -11.12 -14.38 21.93
CA ASN A 251 -10.12 -14.03 22.94
C ASN A 251 -9.07 -13.08 22.37
N LYS A 252 -9.51 -12.22 21.45
CA LYS A 252 -8.66 -11.19 20.88
C LYS A 252 -7.46 -11.79 20.14
N VAL A 253 -7.63 -13.02 19.67
CA VAL A 253 -6.64 -13.69 18.85
C VAL A 253 -7.29 -14.16 17.56
N CYS A 254 -6.85 -13.61 16.44
CA CYS A 254 -7.35 -14.02 15.14
C CYS A 254 -6.40 -15.03 14.51
N LYS A 255 -6.90 -16.24 14.27
CA LYS A 255 -6.09 -17.32 13.71
C LYS A 255 -6.35 -17.50 12.23
N ILE A 256 -5.36 -17.10 11.42
CA ILE A 256 -5.41 -17.24 9.97
C ILE A 256 -4.50 -18.37 9.53
N GLN A 257 -4.88 -19.05 8.44
CA GLN A 257 -4.03 -20.07 7.85
C GLN A 257 -3.58 -19.63 6.46
N GLY A 258 -2.27 -19.68 6.22
CA GLY A 258 -1.70 -19.30 4.94
C GLY A 258 -0.97 -20.44 4.26
N LYS A 259 -1.18 -20.58 2.95
CA LYS A 259 -0.52 -21.59 2.14
C LYS A 259 0.54 -20.93 1.27
N PRO A 260 1.47 -21.73 0.72
CA PRO A 260 2.53 -21.17 -0.11
C PRO A 260 2.00 -20.38 -1.30
N GLY A 261 2.50 -19.15 -1.46
CA GLY A 261 2.12 -18.30 -2.57
C GLY A 261 0.98 -17.34 -2.26
N GLU A 262 0.28 -17.59 -1.15
CA GLU A 262 -0.88 -16.76 -0.78
C GLU A 262 -0.48 -15.43 -0.17
N LEU A 263 -1.36 -14.44 -0.34
CA LEU A 263 -1.22 -13.16 0.33
C LEU A 263 -2.14 -13.12 1.54
N VAL A 264 -1.60 -12.75 2.69
CA VAL A 264 -2.40 -12.58 3.90
C VAL A 264 -2.03 -11.27 4.57
N GLY A 265 -2.85 -10.83 5.51
CA GLY A 265 -2.57 -9.60 6.22
C GLY A 265 -3.54 -9.29 7.34
N PHE A 266 -3.39 -8.11 7.92
CA PHE A 266 -4.29 -7.64 8.96
C PHE A 266 -4.29 -6.12 9.03
N LYS A 267 -5.34 -5.57 9.62
CA LYS A 267 -5.47 -4.11 9.77
C LYS A 267 -5.87 -3.78 11.19
N CYS A 268 -5.02 -3.05 11.88
CA CYS A 268 -5.29 -2.62 13.24
C CYS A 268 -6.41 -1.59 13.25
N ALA A 269 -7.06 -1.42 14.40
CA ALA A 269 -8.05 -0.37 14.56
C ALA A 269 -7.37 0.97 14.31
N PHE A 270 -8.03 1.84 13.56
CA PHE A 270 -7.40 3.09 13.17
C PHE A 270 -7.24 4.05 14.33
N GLU A 271 -6.04 4.63 14.42
CA GLU A 271 -5.73 5.68 15.38
C GLU A 271 -4.41 6.31 14.95
N GLU A 272 -4.06 7.46 15.51
CA GLU A 272 -2.93 8.23 15.00
C GLU A 272 -1.61 7.93 15.70
N ASN A 273 -1.63 7.03 16.69
CA ASN A 273 -0.41 6.66 17.38
C ASN A 273 -0.42 5.22 17.87
N GLY A 274 -1.03 4.34 17.09
CA GLY A 274 -0.97 2.92 17.33
C GLY A 274 0.33 2.35 16.81
N LYS A 275 0.74 1.20 17.35
CA LYS A 275 1.98 0.56 16.93
C LYS A 275 1.78 -0.95 16.81
N VAL A 276 2.64 -1.58 16.03
CA VAL A 276 2.62 -3.02 15.84
C VAL A 276 3.78 -3.65 16.62
N GLU A 277 3.62 -4.92 16.99
CA GLU A 277 4.66 -5.64 17.71
C GLU A 277 4.89 -7.01 17.08
N PRO A 278 6.16 -7.34 16.76
CA PRO A 278 7.35 -6.49 16.87
C PRO A 278 7.29 -5.30 15.90
N PRO A 279 7.96 -4.19 16.24
CA PRO A 279 7.89 -2.93 15.48
C PRO A 279 8.08 -3.09 13.97
N ASN A 280 8.91 -4.04 13.57
CA ASN A 280 9.30 -4.18 12.18
C ASN A 280 8.59 -5.33 11.45
N CYS A 281 7.41 -5.70 11.95
CA CYS A 281 6.57 -6.69 11.30
C CYS A 281 6.30 -6.23 9.86
N PHE A 282 6.38 -7.13 8.86
CA PHE A 282 6.61 -8.56 9.01
C PHE A 282 8.08 -9.00 9.01
N ASP A 283 9.01 -8.08 8.78
CA ASP A 283 10.43 -8.43 8.67
C ASP A 283 10.92 -9.13 9.93
N GLN A 284 10.38 -8.72 11.07
CA GLN A 284 10.54 -9.46 12.32
C GLN A 284 9.16 -9.91 12.79
N VAL A 285 9.07 -11.12 13.34
CA VAL A 285 7.81 -11.63 13.86
C VAL A 285 8.05 -12.39 15.16
N LEU A 286 6.95 -12.71 15.84
CA LEU A 286 7.01 -13.57 17.01
C LEU A 286 6.89 -15.01 16.59
N HIS A 287 7.91 -15.79 16.89
CA HIS A 287 7.90 -17.23 16.64
C HIS A 287 8.40 -17.95 17.87
N LYS A 288 7.59 -18.87 18.39
CA LYS A 288 7.90 -19.58 19.61
C LYS A 288 8.23 -18.58 20.72
N ASN A 289 7.42 -17.55 20.81
CA ASN A 289 7.48 -16.54 21.88
C ASN A 289 8.73 -15.67 21.87
N LYS A 290 9.52 -15.75 20.81
CA LYS A 290 10.68 -14.86 20.65
C LYS A 290 10.64 -14.12 19.31
N VAL A 291 11.16 -12.90 19.31
CA VAL A 291 11.28 -12.11 18.09
C VAL A 291 12.21 -12.84 17.12
N THR A 292 11.78 -12.95 15.87
CA THR A 292 12.48 -13.78 14.89
C THR A 292 12.49 -13.14 13.51
N ASP A 293 13.65 -13.13 12.88
CA ASP A 293 13.76 -12.67 11.49
C ASP A 293 13.00 -13.63 10.60
N LEU A 294 11.99 -13.13 9.91
CA LEU A 294 11.10 -13.98 9.12
C LEU A 294 11.86 -14.64 7.96
N LYS A 295 12.97 -14.04 7.55
CA LYS A 295 13.77 -14.59 6.47
C LYS A 295 14.34 -15.96 6.83
N THR A 296 14.52 -16.22 8.11
CA THR A 296 15.09 -17.48 8.58
C THR A 296 14.05 -18.61 8.57
N LEU A 297 12.79 -18.27 8.32
CA LEU A 297 11.71 -19.25 8.29
C LEU A 297 11.22 -19.49 6.87
N ILE A 298 10.87 -18.40 6.19
CA ILE A 298 10.32 -18.47 4.85
C ILE A 298 11.01 -17.46 3.94
N PRO A 299 12.29 -17.69 3.61
CA PRO A 299 13.01 -16.81 2.70
C PRO A 299 12.30 -16.69 1.35
N GLY A 300 12.40 -15.54 0.72
CA GLY A 300 11.72 -15.29 -0.53
C GLY A 300 10.39 -14.58 -0.33
N TYR A 301 10.00 -14.42 0.93
CA TYR A 301 8.75 -13.74 1.25
C TYR A 301 8.79 -12.28 0.82
N ALA A 302 7.64 -11.63 0.81
CA ALA A 302 7.53 -10.22 0.51
C ALA A 302 6.49 -9.59 1.43
N SER A 303 6.60 -8.29 1.66
CA SER A 303 5.68 -7.60 2.56
C SER A 303 5.33 -6.20 2.08
N TYR A 304 4.17 -5.71 2.50
CA TYR A 304 3.74 -4.35 2.23
C TYR A 304 3.28 -3.71 3.54
N THR A 305 4.08 -2.78 4.05
CA THR A 305 3.81 -2.17 5.35
C THR A 305 4.22 -0.70 5.40
N ASN A 306 3.56 0.06 6.27
CA ASN A 306 4.00 1.40 6.62
C ASN A 306 4.74 1.32 7.95
N LYS A 307 5.97 1.81 7.98
CA LYS A 307 6.87 1.59 9.11
C LYS A 307 6.74 2.62 10.24
N HIS A 308 5.87 3.61 10.06
CA HIS A 308 5.79 4.73 11.01
C HIS A 308 4.69 4.56 12.05
N SER A 309 3.68 3.75 11.73
CA SER A 309 2.57 3.52 12.64
C SER A 309 1.75 2.34 12.16
N SER A 310 0.64 2.08 12.83
CA SER A 310 -0.27 0.99 12.46
C SER A 310 -1.51 1.53 11.76
N LYS A 311 -1.39 2.72 11.16
CA LYS A 311 -2.47 3.32 10.40
C LYS A 311 -2.95 2.39 9.29
N TYR A 312 -1.99 1.84 8.56
CA TYR A 312 -2.29 1.04 7.37
C TYR A 312 -2.22 -0.45 7.65
N PRO A 313 -2.85 -1.25 6.76
CA PRO A 313 -2.77 -2.71 6.88
C PRO A 313 -1.34 -3.23 6.79
N TYR A 314 -1.14 -4.46 7.26
CA TYR A 314 0.12 -5.17 7.10
C TYR A 314 -0.12 -6.39 6.23
N TYR A 315 0.66 -6.54 5.17
CA TYR A 315 0.48 -7.66 4.23
C TYR A 315 1.74 -8.53 4.12
N LEU A 316 1.51 -9.83 3.98
CA LEU A 316 2.58 -10.80 3.81
C LEU A 316 2.30 -11.68 2.60
N LYS A 317 3.21 -11.69 1.64
CA LYS A 317 3.14 -12.59 0.49
C LYS A 317 4.03 -13.79 0.77
N ILE A 318 3.41 -14.92 1.10
CA ILE A 318 4.13 -16.14 1.41
C ILE A 318 4.82 -16.69 0.16
N PRO A 319 6.10 -17.10 0.29
CA PRO A 319 6.83 -17.56 -0.91
C PRO A 319 6.22 -18.83 -1.52
N HIS A 320 6.67 -19.19 -2.72
CA HIS A 320 6.11 -20.33 -3.43
C HIS A 320 6.53 -21.65 -2.81
N PHE A 321 7.63 -21.65 -2.05
CA PHE A 321 8.01 -22.83 -1.26
C PHE A 321 8.15 -22.50 0.22
N VAL A 322 7.46 -23.28 1.04
CA VAL A 322 7.61 -23.24 2.48
C VAL A 322 8.02 -24.65 2.92
N ASN A 323 9.17 -24.76 3.55
CA ASN A 323 9.73 -26.08 3.84
C ASN A 323 8.97 -26.81 4.93
N GLU A 324 8.64 -26.12 6.02
CA GLU A 324 7.89 -26.73 7.10
C GLU A 324 6.86 -25.77 7.70
N GLN A 325 5.96 -26.30 8.51
CA GLN A 325 4.89 -25.53 9.10
C GLN A 325 5.45 -24.54 10.12
N TYR A 326 5.01 -23.29 10.04
CA TYR A 326 5.40 -22.25 10.98
C TYR A 326 4.18 -21.50 11.50
N THR A 327 4.15 -21.24 12.80
CA THR A 327 3.14 -20.39 13.39
C THR A 327 3.80 -19.13 13.93
N ILE A 328 3.46 -17.99 13.32
CA ILE A 328 4.04 -16.71 13.69
C ILE A 328 2.96 -15.76 14.21
N GLN A 329 3.39 -14.66 14.83
CA GLN A 329 2.47 -13.69 15.40
C GLN A 329 2.95 -12.25 15.23
N CYS A 330 1.98 -11.37 14.98
CA CYS A 330 2.17 -9.93 15.10
C CYS A 330 1.02 -9.41 15.95
N CYS A 332 -1.30 -5.91 17.46
CA CYS A 332 -1.69 -4.51 17.45
C CYS A 332 -1.59 -3.94 18.85
N SER A 334 -1.84 -0.55 21.46
CA SER A 334 -2.55 0.71 21.63
C SER A 334 -2.74 1.04 23.11
N ASN A 335 -2.72 2.32 23.44
CA ASN A 335 -3.04 2.77 24.80
C ASN A 335 -4.49 2.41 25.14
N ASN A 336 -5.29 2.21 24.09
CA ASN A 336 -6.66 1.72 24.22
C ASN A 336 -6.69 0.20 24.26
N ALA A 337 -7.16 -0.35 25.36
CA ALA A 337 -7.17 -1.81 25.56
C ALA A 337 -8.16 -2.51 24.64
N GLN A 338 -9.07 -1.74 24.04
CA GLN A 338 -10.05 -2.30 23.12
C GLN A 338 -9.44 -2.62 21.76
N ASN A 339 -8.28 -2.03 21.49
CA ASN A 339 -7.60 -2.20 20.21
C ASN A 339 -6.41 -3.16 20.28
N GLU A 340 -6.24 -3.81 21.43
CA GLU A 340 -5.16 -4.77 21.63
C GLU A 340 -5.53 -6.14 21.09
N TYR A 341 -4.90 -6.54 19.98
CA TYR A 341 -5.23 -7.78 19.30
C TYR A 341 -3.99 -8.54 18.83
N THR A 342 -4.18 -9.83 18.56
CA THR A 342 -3.11 -10.69 18.07
C THR A 342 -3.48 -11.28 16.72
N PHE A 343 -2.60 -11.09 15.74
CA PHE A 343 -2.72 -11.74 14.44
C PHE A 343 -1.84 -12.98 14.45
N GLU A 344 -2.47 -14.15 14.48
CA GLU A 344 -1.74 -15.42 14.51
C GLU A 344 -1.89 -16.16 13.18
N LEU A 345 -0.76 -16.43 12.53
CA LEU A 345 -0.76 -17.00 11.20
C LEU A 345 -0.15 -18.40 11.15
N ASP A 346 -0.96 -19.38 10.74
CA ASP A 346 -0.49 -20.73 10.51
C ASP A 346 -0.01 -20.88 9.06
N ILE A 347 1.31 -20.88 8.87
CA ILE A 347 1.89 -21.01 7.54
C ILE A 347 2.12 -22.47 7.20
N GLN A 348 1.43 -22.96 6.17
CA GLN A 348 1.54 -24.36 5.76
C GLN A 348 2.68 -24.57 4.77
N PRO A 349 3.33 -25.74 4.82
CA PRO A 349 4.40 -26.08 3.88
C PRO A 349 3.88 -26.53 2.53
N GLY A 350 4.72 -26.50 1.50
CA GLY A 350 4.35 -26.97 0.17
C GLY A 350 5.07 -26.28 -0.96
N GLU A 351 4.72 -26.67 -2.19
CA GLU A 351 5.24 -26.06 -3.40
C GLU A 351 4.12 -25.83 -4.40
N SER A 352 3.66 -24.59 -4.51
CA SER A 352 2.54 -24.27 -5.40
C SER A 352 2.96 -24.25 -6.86
N GLU A 353 2.01 -24.56 -7.74
CA GLU A 353 2.26 -24.57 -9.18
C GLU A 353 1.14 -23.83 -9.92
#